data_3RKF
#
_entry.id   3RKF
#
_cell.length_a   52.300
_cell.length_b   52.300
_cell.length_c   263.400
_cell.angle_alpha   90.00
_cell.angle_beta   90.00
_cell.angle_gamma   120.00
#
_symmetry.space_group_name_H-M   'P 32'
#
loop_
_entity.id
_entity.type
_entity.pdbx_description
1 polymer 'Guanine riboswitch'
2 non-polymer 2-amino-1,9-dihydro-6H-purine-6-thione
3 non-polymer 'COBALT HEXAMMINE(III)'
4 water water
#
_entity_poly.entity_id   1
_entity_poly.type   'polyribonucleotide'
_entity_poly.pdbx_seq_one_letter_code
;GGCCAUAUAACUGCGUGGAUAUAGCACGCAGGUUUCUACCGGGCACUGUAAAUGUCCGACUAUGGUC
;
_entity_poly.pdbx_strand_id   A,B,C,D
#
loop_
_chem_comp.id
_chem_comp.type
_chem_comp.name
_chem_comp.formula
A RNA linking ADENOSINE-5'-MONOPHOSPHATE 'C10 H14 N5 O7 P'
C RNA linking CYTIDINE-5'-MONOPHOSPHATE 'C9 H14 N3 O8 P'
DX4 non-polymer 2-amino-1,9-dihydro-6H-purine-6-thione 'C5 H5 N5 S'
G RNA linking GUANOSINE-5'-MONOPHOSPHATE 'C10 H14 N5 O8 P'
NCO non-polymer 'COBALT HEXAMMINE(III)' 'Co H18 N6 3'
U RNA linking URIDINE-5'-MONOPHOSPHATE 'C9 H13 N2 O9 P'
#
# COMPACT_ATOMS: atom_id res chain seq x y z
C4 DX4 E . -15.65 16.69 26.34
C5 DX4 E . -15.05 15.90 27.28
C6 DX4 E . -13.94 16.40 28.03
C8 DX4 E . -16.71 14.75 26.37
N1 DX4 E . -13.53 17.66 27.76
N2 DX4 E . -13.64 19.75 26.60
N3 DX4 E . -15.17 17.96 26.12
C2 DX4 E . -14.12 18.42 26.84
N9 DX4 E . -16.68 15.97 25.77
N7 DX4 E . -15.72 14.69 27.29
S6 DX4 E . -13.13 15.42 29.25
CO NCO F . -19.01 15.98 17.59
N1 NCO F . -20.73 15.82 16.61
N2 NCO F . -19.62 14.62 18.89
N3 NCO F . -17.30 16.14 18.56
N4 NCO F . -18.40 17.34 16.28
N5 NCO F . -18.24 14.54 16.46
N6 NCO F . -19.79 17.42 18.71
CO NCO G . 3.12 7.49 7.08
N1 NCO G . 3.59 9.35 6.58
N2 NCO G . 1.81 7.43 5.60
N3 NCO G . 2.64 5.64 7.58
N4 NCO G . 4.42 7.55 8.57
N5 NCO G . 4.54 6.80 5.87
N6 NCO G . 1.71 8.18 8.28
CO NCO H . 4.72 13.84 23.70
N1 NCO H . 6.11 13.63 22.31
N2 NCO H . 3.33 13.91 22.30
N3 NCO H . 3.33 14.06 25.10
N4 NCO H . 6.12 13.77 25.10
N5 NCO H . 4.52 11.88 23.82
N6 NCO H . 4.92 15.82 23.60
CO NCO I . -21.28 26.46 39.41
N1 NCO I . -21.22 27.15 37.56
N2 NCO I . -23.06 25.67 39.06
N3 NCO I . -21.34 25.78 41.27
N4 NCO I . -19.50 27.27 39.77
N5 NCO I . -20.41 24.78 38.83
N6 NCO I . -22.16 28.14 40.00
CO NCO J . 26.10 1.26 11.76
N1 NCO J . 25.44 0.32 10.14
N2 NCO J . 26.41 -0.50 12.64
N3 NCO J . 26.75 2.20 13.37
N4 NCO J . 25.78 3.00 10.87
N5 NCO J . 27.94 1.21 11.04
N6 NCO J . 24.26 1.29 12.48
CO NCO K . 20.34 2.51 23.00
N1 NCO K . 22.02 1.88 22.17
N2 NCO K . 19.31 1.73 21.50
N3 NCO K . 18.66 3.16 23.81
N4 NCO K . 21.38 3.30 24.49
N5 NCO K . 20.19 0.80 23.98
N6 NCO K . 20.48 4.23 22.00
CO NCO L . -15.67 5.13 33.57
N1 NCO L . -14.65 4.09 32.22
N2 NCO L . -17.18 3.85 33.40
N3 NCO L . -16.69 6.14 34.94
N4 NCO L . -14.17 6.40 33.73
N5 NCO L . -14.88 4.04 35.02
N6 NCO L . -16.49 6.21 32.13
CO NCO M . -0.07 1.33 16.34
N1 NCO M . 0.37 -0.34 15.38
N2 NCO M . -1.82 0.56 16.87
N3 NCO M . -0.51 3.00 17.31
N4 NCO M . 1.68 2.10 15.81
N5 NCO M . 0.75 0.61 17.99
N6 NCO M . -0.89 2.06 14.69
CO NCO N . 12.76 16.79 21.55
N1 NCO N . 13.31 16.09 19.78
N2 NCO N . 11.07 15.74 21.44
N3 NCO N . 12.20 17.48 23.32
N4 NCO N . 14.45 17.81 21.68
N5 NCO N . 13.64 15.24 22.43
N6 NCO N . 11.88 18.33 20.68
C4 DX4 O . -10.60 -11.89 9.65
C5 DX4 O . -9.51 -11.33 9.02
C6 DX4 O . -8.31 -12.08 8.87
C8 DX4 O . -11.15 -9.84 9.05
N1 DX4 O . -8.29 -13.34 9.36
N2 DX4 O . -9.28 -15.21 10.46
N3 DX4 O . -10.50 -13.19 10.12
C2 DX4 O . -9.36 -13.87 9.96
N9 DX4 O . -11.62 -10.96 9.66
N7 DX4 O . -9.88 -10.05 8.65
S6 DX4 O . -6.88 -11.39 8.08
CO NCO P . -19.50 -10.05 14.73
N1 NCO P . -20.55 -10.17 13.05
N2 NCO P . -20.16 -11.84 15.26
N3 NCO P . -18.46 -9.93 16.40
N4 NCO P . -18.84 -8.27 14.19
N5 NCO P . -17.95 -10.90 13.83
N6 NCO P . -21.04 -9.21 15.63
CO NCO Q . -6.86 -4.55 36.09
N1 NCO Q . -6.94 -5.79 34.55
N2 NCO Q . -8.83 -4.64 36.26
N3 NCO Q . -6.78 -3.31 37.62
N4 NCO Q . -4.89 -4.47 35.91
N5 NCO Q . -6.69 -6.09 37.32
N6 NCO Q . -7.03 -3.01 34.85
CO NCO R . 3.50 -11.23 24.57
N1 NCO R . 3.51 -12.31 22.92
N2 NCO R . 1.72 -10.51 24.08
N3 NCO R . 3.49 -10.14 26.23
N4 NCO R . 5.28 -11.94 25.06
N5 NCO R . 2.63 -12.72 25.54
N6 NCO R . 4.38 -9.74 23.61
CO NCO S . -10.95 -22.19 -3.26
N1 NCO S . -10.90 -23.97 -4.13
N2 NCO S . -12.50 -22.77 -2.17
N3 NCO S . -11.01 -20.42 -2.38
N4 NCO S . -9.40 -21.61 -4.33
N5 NCO S . -9.73 -22.84 -1.85
N6 NCO S . -12.17 -21.52 -4.67
CO NCO T . -7.07 -1.04 3.73
N1 NCO T . -7.02 -1.67 1.85
N2 NCO T . -6.98 -2.91 4.36
N3 NCO T . -7.09 -0.41 5.61
N4 NCO T . -7.14 0.84 3.10
N5 NCO T . -5.08 -0.98 3.73
N6 NCO T . -9.04 -1.10 3.72
C4 DX4 U . -13.28 0.28 -14.42
C5 DX4 U . -12.33 0.66 -13.52
C6 DX4 U . -12.04 2.05 -13.33
C8 DX4 U . -12.46 -1.54 -13.51
N1 DX4 U . -12.75 2.95 -14.05
N2 DX4 U . -14.40 3.55 -15.69
N3 DX4 U . -13.95 1.27 -15.13
C2 DX4 U . -13.68 2.56 -14.94
N9 DX4 U . -13.36 -1.09 -14.41
N7 DX4 U . -11.82 -0.48 -12.96
S6 DX4 U . -10.81 2.57 -12.17
CO NCO V . -15.02 -6.50 -20.66
N1 NCO V . -13.12 -6.58 -20.11
N2 NCO V . -14.73 -8.07 -21.84
N3 NCO V . -16.93 -6.44 -21.21
N4 NCO V . -15.31 -4.94 -19.49
N5 NCO V . -15.50 -7.71 -19.16
N6 NCO V . -14.55 -5.29 -22.16
CO NCO W . 2.73 2.47 -36.79
N1 NCO W . 3.98 1.19 -35.93
N2 NCO W . 1.77 0.97 -37.65
N3 NCO W . 1.49 3.75 -37.64
N4 NCO W . 3.69 3.98 -35.93
N5 NCO W . 1.53 2.34 -35.22
N6 NCO W . 3.94 2.60 -38.35
CO NCO X . 0.43 12.50 -23.22
N1 NCO X . 1.80 11.12 -23.56
N2 NCO X . -0.83 11.10 -22.62
N3 NCO X . -0.95 13.89 -22.88
N4 NCO X . 1.69 13.91 -23.80
N5 NCO X . 1.09 12.70 -21.37
N6 NCO X . -0.24 12.30 -25.07
CO NCO Y . -3.53 -3.85 -5.32
N1 NCO Y . -3.80 -5.73 -5.90
N2 NCO Y . -5.06 -4.03 -4.06
N3 NCO Y . -3.28 -1.98 -4.73
N4 NCO Y . -2.01 -3.68 -6.57
N5 NCO Y . -2.31 -4.46 -3.89
N6 NCO Y . -4.77 -3.24 -6.75
CO NCO Z . 3.51 19.76 -27.47
N1 NCO Z . 3.77 18.48 -28.97
N2 NCO Z . 1.67 19.05 -27.21
N3 NCO Z . 3.23 21.04 -25.99
N4 NCO Z . 5.34 20.47 -27.74
N5 NCO Z . 4.21 18.43 -26.19
N6 NCO Z . 2.80 21.10 -28.76
C4 DX4 AA . 10.76 -18.95 -26.91
C5 DX4 AA . 10.94 -17.96 -27.84
C6 DX4 AA . 12.26 -17.45 -28.07
C8 DX4 AA . 8.78 -18.47 -27.81
N1 DX4 AA . 13.27 -17.97 -27.34
N2 DX4 AA . 14.17 -19.45 -25.70
N3 DX4 AA . 11.84 -19.44 -26.21
C2 DX4 AA . 13.07 -18.94 -26.43
N9 DX4 AA . 9.41 -19.26 -26.89
N7 DX4 AA . 9.71 -17.67 -28.39
S6 DX4 AA . 12.54 -16.16 -29.25
CO NCO BA . 5.39 -22.18 -19.53
N1 NCO BA . 5.27 -23.13 -21.26
N2 NCO BA . 3.93 -23.30 -18.80
N3 NCO BA . 5.51 -21.23 -17.81
N4 NCO BA . 6.84 -21.05 -20.27
N5 NCO BA . 6.72 -23.51 -18.93
N6 NCO BA . 4.04 -20.85 -20.15
CO NCO CA . 9.29 -1.71 -4.68
N1 NCO CA . 10.96 -2.60 -5.22
N2 NCO CA . 8.24 -3.02 -5.74
N3 NCO CA . 7.61 -0.81 -4.13
N4 NCO CA . 10.33 -0.40 -3.62
N5 NCO CA . 9.16 -2.91 -3.10
N6 NCO CA . 9.42 -0.52 -6.25
CO NCO DA . 19.68 -2.40 -19.02
N1 NCO DA . 19.88 -2.76 -20.95
N2 NCO DA . 18.24 -3.75 -18.92
N3 NCO DA . 19.47 -2.03 -17.08
N4 NCO DA . 21.12 -1.05 -19.13
N5 NCO DA . 21.01 -3.80 -18.61
N6 NCO DA . 18.34 -0.98 -19.42
CO NCO EA . 18.54 -27.47 -38.86
N1 NCO EA . 19.92 -26.81 -37.61
N2 NCO EA . 19.70 -26.98 -40.40
N3 NCO EA . 17.17 -28.14 -40.12
N4 NCO EA . 17.39 -27.95 -37.34
N5 NCO EA . 19.37 -29.26 -38.81
N6 NCO EA . 17.72 -25.67 -38.91
CO NCO FA . 20.52 16.99 -15.29
N1 NCO FA . 21.22 15.17 -14.91
N2 NCO FA . 19.08 16.71 -13.96
N3 NCO FA . 19.80 18.80 -15.68
N4 NCO FA . 21.97 17.28 -16.59
N5 NCO FA . 21.67 17.74 -13.86
N6 NCO FA . 19.36 16.24 -16.72
CO NCO GA . 3.06 -11.10 -35.39
N1 NCO GA . 3.65 -12.34 -36.81
N2 NCO GA . 1.39 -12.13 -35.15
N3 NCO GA . 2.48 -9.85 -33.97
N4 NCO GA . 4.74 -10.08 -35.62
N5 NCO GA . 3.94 -12.23 -34.03
N6 NCO GA . 2.17 -9.98 -36.75
CO NCO HA . 5.71 1.54 -15.84
N1 NCO HA . 6.38 -0.13 -16.69
N2 NCO HA . 3.98 0.65 -15.47
N3 NCO HA . 5.04 3.21 -15.00
N4 NCO HA . 7.44 2.42 -16.23
N5 NCO HA . 6.40 0.93 -14.09
N6 NCO HA . 5.03 2.15 -17.60
#